data_5NV0
#
_entry.id   5NV0
#
_cell.length_a   74.260
_cell.length_b   74.260
_cell.length_c   159.100
_cell.angle_alpha   90.000
_cell.angle_beta   90.000
_cell.angle_gamma   120.000
#
_symmetry.space_group_name_H-M   'P 32 2 1'
#
loop_
_entity.id
_entity.type
_entity.pdbx_description
1 polymer 'DNA (cytosine-5)-methyltransferase 3B'
2 non-polymer 4-(dipropylamino)butanenitrile
3 non-polymer 'SULFATE ION'
4 water water
#
_entity_poly.entity_id   1
_entity_poly.type   'polypeptide(L)'
_entity_poly.pdbx_seq_one_letter_code
;EADSGDGDSSEYQDGKEFGIGDLVWGKIKGFSWWPAMVVSWKATSKRQAMSGMRWVQWFGDGKFSEVSADKLVALGLFSQ
HFNLATFNKLVSYRKAMYHALEKARVRAGKTFPSSPGDSLEDQLKPMLEWAHGGFKPTGIEGLKPNNTQP
;
_entity_poly.pdbx_strand_id   A,B
#
# COMPACT_ATOMS: atom_id res chain seq x y z
N SER A 10 16.03 2.27 -5.49
CA SER A 10 15.02 2.94 -6.32
C SER A 10 13.60 2.82 -5.71
N GLU A 11 12.60 3.20 -6.50
CA GLU A 11 11.21 3.08 -6.07
C GLU A 11 10.84 1.59 -5.95
N TYR A 12 10.14 1.25 -4.87
CA TYR A 12 9.70 -0.12 -4.62
C TYR A 12 10.84 -1.11 -4.36
N GLN A 13 11.98 -0.62 -3.89
CA GLN A 13 13.07 -1.52 -3.52
C GLN A 13 13.04 -1.79 -2.02
N ASP A 14 12.05 -2.56 -1.59
CA ASP A 14 11.81 -2.80 -0.17
C ASP A 14 11.77 -4.30 0.16
N GLY A 15 12.10 -5.13 -0.83
CA GLY A 15 12.17 -6.56 -0.60
C GLY A 15 10.90 -7.29 -0.98
N LYS A 16 9.76 -6.60 -0.88
CA LYS A 16 8.47 -7.18 -1.27
C LYS A 16 8.34 -7.30 -2.79
N GLU A 17 7.30 -8.03 -3.23
CA GLU A 17 7.07 -8.37 -4.65
C GLU A 17 6.44 -7.21 -5.47
N PHE A 18 6.32 -7.40 -6.78
CA PHE A 18 5.58 -6.50 -7.67
C PHE A 18 6.29 -5.19 -8.01
N GLY A 19 6.47 -4.96 -9.29
CA GLY A 19 7.03 -3.71 -9.74
C GLY A 19 6.19 -3.09 -10.83
N ILE A 20 6.64 -1.92 -11.30
CA ILE A 20 5.90 -1.11 -12.25
C ILE A 20 5.53 -1.91 -13.50
N GLY A 21 4.31 -1.73 -14.00
CA GLY A 21 3.87 -2.47 -15.17
C GLY A 21 3.13 -3.77 -14.89
N ASP A 22 3.37 -4.38 -13.72
CA ASP A 22 2.78 -5.67 -13.39
C ASP A 22 1.26 -5.64 -13.29
N LEU A 23 0.59 -6.58 -13.97
CA LEU A 23 -0.86 -6.74 -13.84
C LEU A 23 -1.18 -7.52 -12.57
N VAL A 24 -2.02 -6.95 -11.70
CA VAL A 24 -2.30 -7.57 -10.43
C VAL A 24 -3.79 -7.60 -10.14
N TRP A 25 -4.17 -8.44 -9.19
CA TRP A 25 -5.44 -8.28 -8.50
C TRP A 25 -5.14 -7.48 -7.23
N GLY A 26 -5.97 -6.49 -6.92
CA GLY A 26 -5.79 -5.75 -5.69
C GLY A 26 -6.99 -5.83 -4.78
N LYS A 27 -6.77 -5.89 -3.47
CA LYS A 27 -7.87 -5.99 -2.50
C LYS A 27 -7.94 -4.79 -1.57
N ILE A 28 -8.98 -3.97 -1.70
CA ILE A 28 -9.23 -2.93 -0.72
C ILE A 28 -10.59 -3.15 -0.06
N LYS A 29 -10.74 -2.58 1.14
CA LYS A 29 -11.95 -2.72 1.95
C LYS A 29 -13.21 -2.32 1.18
N GLY A 30 -14.21 -3.21 1.16
CA GLY A 30 -15.48 -2.94 0.53
C GLY A 30 -15.58 -3.34 -0.93
N PHE A 31 -14.54 -3.98 -1.46
CA PHE A 31 -14.55 -4.37 -2.87
C PHE A 31 -14.03 -5.79 -3.09
N SER A 32 -14.58 -6.47 -4.09
CA SER A 32 -14.00 -7.75 -4.52
C SER A 32 -12.56 -7.52 -4.98
N TRP A 33 -11.77 -8.58 -5.05
CA TRP A 33 -10.49 -8.48 -5.74
C TRP A 33 -10.70 -7.79 -7.09
N TRP A 34 -9.84 -6.84 -7.40
CA TRP A 34 -10.04 -5.99 -8.57
C TRP A 34 -8.76 -5.94 -9.40
N PRO A 35 -8.88 -6.03 -10.74
CA PRO A 35 -7.67 -5.98 -11.57
C PRO A 35 -7.09 -4.57 -11.61
N ALA A 36 -5.77 -4.50 -11.57
CA ALA A 36 -5.11 -3.21 -11.53
C ALA A 36 -3.75 -3.28 -12.20
N MET A 37 -3.17 -2.13 -12.50
CA MET A 37 -1.76 -2.11 -12.93
C MET A 37 -0.88 -1.42 -11.88
N VAL A 38 0.27 -2.00 -11.57
CA VAL A 38 1.21 -1.32 -10.67
C VAL A 38 1.80 -0.14 -11.42
N VAL A 39 1.74 1.06 -10.83
CA VAL A 39 2.31 2.25 -11.44
C VAL A 39 3.30 2.94 -10.52
N SER A 40 4.11 3.83 -11.06
CA SER A 40 5.04 4.62 -10.26
C SER A 40 4.28 5.74 -9.56
N TRP A 41 4.80 6.23 -8.45
CA TRP A 41 4.08 7.29 -7.74
C TRP A 41 4.01 8.57 -8.56
N LYS A 42 4.90 8.71 -9.52
CA LYS A 42 4.94 9.92 -10.33
C LYS A 42 3.73 9.99 -11.26
N ALA A 43 3.10 8.86 -11.52
CA ALA A 43 1.91 8.84 -12.36
C ALA A 43 0.69 9.23 -11.56
N THR A 44 0.79 9.22 -10.24
CA THR A 44 -0.40 9.39 -9.39
C THR A 44 -0.76 10.83 -9.06
N SER A 45 0.19 11.75 -9.22
CA SER A 45 0.04 13.14 -8.75
C SER A 45 -0.09 13.27 -7.25
N LYS A 46 0.34 12.25 -6.50
CA LYS A 46 0.20 12.29 -5.05
C LYS A 46 1.53 12.35 -4.28
N ARG A 47 2.04 11.20 -3.86
CA ARG A 47 3.21 11.13 -2.99
C ARG A 47 3.83 9.75 -3.16
N GLN A 48 5.06 9.57 -2.69
CA GLN A 48 5.67 8.24 -2.74
C GLN A 48 4.93 7.25 -1.85
N ALA A 49 4.85 6.01 -2.30
CA ALA A 49 4.24 4.95 -1.51
C ALA A 49 5.05 4.72 -0.25
N MET A 50 4.40 4.39 0.87
CA MET A 50 5.13 3.96 2.06
C MET A 50 5.82 2.63 1.79
N SER A 51 6.84 2.30 2.57
CA SER A 51 7.57 1.06 2.32
C SER A 51 6.64 -0.12 2.44
N GLY A 52 6.70 -1.03 1.45
CA GLY A 52 5.86 -2.22 1.44
C GLY A 52 4.46 -2.00 0.89
N MET A 53 4.22 -0.79 0.39
CA MET A 53 3.00 -0.47 -0.35
C MET A 53 3.35 -0.34 -1.83
N ARG A 54 2.34 -0.39 -2.69
CA ARG A 54 2.50 -0.05 -4.10
C ARG A 54 1.36 0.86 -4.47
N TRP A 55 1.61 1.77 -5.41
CA TRP A 55 0.54 2.47 -6.07
C TRP A 55 0.05 1.57 -7.19
N VAL A 56 -1.26 1.44 -7.32
CA VAL A 56 -1.83 0.70 -8.42
C VAL A 56 -2.89 1.59 -9.07
N GLN A 57 -3.11 1.39 -10.36
CA GLN A 57 -4.21 2.06 -11.03
C GLN A 57 -5.25 1.00 -11.37
N TRP A 58 -6.50 1.21 -11.00
CA TRP A 58 -7.54 0.20 -11.18
C TRP A 58 -8.08 0.21 -12.60
N PHE A 59 -8.16 -0.97 -13.21
CA PHE A 59 -8.79 -1.07 -14.51
C PHE A 59 -10.25 -0.74 -14.39
N GLY A 60 -10.81 -0.15 -15.43
CA GLY A 60 -12.23 0.15 -15.43
C GLY A 60 -12.55 1.56 -15.00
N ASP A 61 -11.92 2.03 -13.93
CA ASP A 61 -12.13 3.41 -13.51
C ASP A 61 -10.87 4.29 -13.49
N GLY A 62 -9.70 3.70 -13.68
CA GLY A 62 -8.47 4.48 -13.81
C GLY A 62 -8.07 5.29 -12.60
N LYS A 63 -8.58 4.94 -11.43
CA LYS A 63 -8.18 5.60 -10.19
C LYS A 63 -6.97 4.93 -9.58
N PHE A 64 -6.31 5.64 -8.67
CA PHE A 64 -5.08 5.20 -8.03
C PHE A 64 -5.31 4.92 -6.55
N SER A 65 -4.67 3.88 -6.01
CA SER A 65 -4.77 3.50 -4.60
C SER A 65 -3.40 3.06 -4.09
N GLU A 66 -3.06 3.44 -2.86
CA GLU A 66 -1.82 2.93 -2.25
C GLU A 66 -2.17 1.64 -1.53
N VAL A 67 -1.65 0.53 -2.03
CA VAL A 67 -2.09 -0.78 -1.59
C VAL A 67 -0.89 -1.57 -1.08
N SER A 68 -1.04 -2.23 0.07
CA SER A 68 0.04 -3.06 0.60
C SER A 68 0.36 -4.16 -0.40
N ALA A 69 1.62 -4.57 -0.46
CA ALA A 69 2.02 -5.64 -1.39
C ALA A 69 1.47 -6.99 -0.91
N ASP A 70 1.00 -7.02 0.32
CA ASP A 70 0.40 -8.22 0.88
C ASP A 70 -1.05 -8.30 0.45
N LYS A 71 -1.56 -7.22 -0.12
CA LYS A 71 -2.92 -7.17 -0.63
C LYS A 71 -2.94 -7.21 -2.16
N LEU A 72 -1.88 -7.76 -2.77
CA LEU A 72 -1.80 -7.92 -4.23
C LEU A 72 -1.35 -9.33 -4.62
N VAL A 73 -1.86 -9.82 -5.74
CA VAL A 73 -1.39 -11.09 -6.29
C VAL A 73 -1.31 -10.92 -7.80
N ALA A 74 -0.51 -11.74 -8.47
CA ALA A 74 -0.39 -11.68 -9.93
C ALA A 74 -1.75 -11.89 -10.57
N LEU A 75 -2.07 -11.12 -11.61
CA LEU A 75 -3.33 -11.30 -12.31
C LEU A 75 -3.41 -12.69 -12.97
N GLY A 76 -2.25 -13.30 -13.23
CA GLY A 76 -2.16 -14.63 -13.82
C GLY A 76 -2.76 -15.73 -12.94
N LEU A 77 -2.78 -15.51 -11.64
CA LEU A 77 -3.51 -16.38 -10.74
C LEU A 77 -4.99 -16.06 -10.89
N PHE A 78 -5.55 -16.33 -12.07
CA PHE A 78 -6.83 -15.75 -12.41
C PHE A 78 -8.03 -16.41 -11.76
N SER A 79 -8.18 -17.72 -11.95
CA SER A 79 -9.37 -18.39 -11.47
C SER A 79 -9.45 -18.34 -9.93
N GLN A 80 -8.30 -18.20 -9.30
CA GLN A 80 -8.23 -18.06 -7.84
C GLN A 80 -8.77 -16.74 -7.27
N HIS A 81 -8.89 -15.69 -8.10
CA HIS A 81 -9.39 -14.43 -7.56
C HIS A 81 -10.50 -13.84 -8.37
N PHE A 82 -10.77 -14.42 -9.53
CA PHE A 82 -11.94 -14.01 -10.28
C PHE A 82 -13.15 -14.23 -9.37
N ASN A 83 -14.00 -13.23 -9.27
CA ASN A 83 -15.18 -13.35 -8.45
C ASN A 83 -16.42 -13.44 -9.31
N LEU A 84 -16.97 -14.65 -9.39
CA LEU A 84 -18.04 -14.91 -10.33
C LEU A 84 -19.32 -14.15 -9.94
N ALA A 85 -19.61 -14.11 -8.65
CA ALA A 85 -20.77 -13.35 -8.16
C ALA A 85 -20.66 -11.88 -8.49
N THR A 86 -19.49 -11.28 -8.24
CA THR A 86 -19.34 -9.85 -8.52
C THR A 86 -19.45 -9.61 -10.01
N PHE A 87 -18.92 -10.54 -10.79
CA PHE A 87 -18.98 -10.46 -12.25
C PHE A 87 -20.42 -10.42 -12.76
N ASN A 88 -21.29 -11.25 -12.20
CA ASN A 88 -22.67 -11.32 -12.65
C ASN A 88 -23.43 -10.08 -12.20
N LYS A 89 -23.05 -9.57 -11.04
CA LYS A 89 -23.74 -8.47 -10.38
C LYS A 89 -23.39 -7.06 -10.93
N LEU A 90 -22.10 -6.80 -11.21
CA LEU A 90 -21.62 -5.43 -11.45
C LEU A 90 -21.09 -5.18 -12.85
N VAL A 91 -21.78 -4.33 -13.62
CA VAL A 91 -21.30 -3.95 -14.94
C VAL A 91 -19.89 -3.34 -14.89
N SER A 92 -19.59 -2.61 -13.81
CA SER A 92 -18.26 -1.99 -13.67
C SER A 92 -17.14 -3.03 -13.62
N TYR A 93 -17.41 -4.16 -12.95
CA TYR A 93 -16.43 -5.25 -12.82
C TYR A 93 -16.25 -5.94 -14.15
N ARG A 94 -17.33 -6.05 -14.93
CA ARG A 94 -17.21 -6.63 -16.27
C ARG A 94 -16.38 -5.74 -17.18
N LYS A 95 -16.55 -4.44 -17.06
CA LYS A 95 -15.72 -3.51 -17.85
C LYS A 95 -14.26 -3.58 -17.41
N ALA A 96 -14.03 -3.61 -16.10
CA ALA A 96 -12.68 -3.78 -15.59
C ALA A 96 -12.00 -5.01 -16.17
N MET A 97 -12.73 -6.15 -16.18
CA MET A 97 -12.23 -7.39 -16.78
C MET A 97 -11.84 -7.19 -18.23
N TYR A 98 -12.71 -6.52 -18.98
CA TYR A 98 -12.41 -6.29 -20.38
C TYR A 98 -11.08 -5.58 -20.58
N HIS A 99 -10.90 -4.44 -19.91
CA HIS A 99 -9.69 -3.63 -20.12
C HIS A 99 -8.47 -4.33 -19.58
N ALA A 100 -8.65 -5.05 -18.48
CA ALA A 100 -7.54 -5.77 -17.90
C ALA A 100 -7.09 -6.91 -18.82
N LEU A 101 -8.05 -7.65 -19.38
CA LEU A 101 -7.70 -8.82 -20.18
C LEU A 101 -7.14 -8.40 -21.56
N GLU A 102 -7.73 -7.36 -22.11
CA GLU A 102 -7.20 -6.73 -23.32
C GLU A 102 -5.73 -6.36 -23.18
N LYS A 103 -5.37 -5.73 -22.08
CA LYS A 103 -3.97 -5.41 -21.86
C LYS A 103 -3.16 -6.69 -21.78
N ALA A 104 -3.73 -7.71 -21.15
CA ALA A 104 -3.04 -9.00 -21.01
C ALA A 104 -2.83 -9.67 -22.36
N ARG A 105 -3.82 -9.54 -23.23
CA ARG A 105 -3.87 -10.20 -24.51
C ARG A 105 -2.77 -9.63 -25.42
N VAL A 106 -2.61 -8.32 -25.41
CA VAL A 106 -1.55 -7.71 -26.22
C VAL A 106 -0.18 -8.08 -25.69
N ARG A 107 0.00 -8.07 -24.37
CA ARG A 107 1.29 -8.47 -23.81
C ARG A 107 1.67 -9.91 -24.16
N ALA A 108 0.70 -10.80 -24.13
CA ALA A 108 0.98 -12.20 -24.36
C ALA A 108 1.17 -12.51 -25.85
N GLY A 109 0.82 -11.55 -26.70
CA GLY A 109 0.83 -11.81 -28.13
C GLY A 109 -0.27 -12.77 -28.54
N LYS A 110 -1.38 -12.75 -27.81
CA LYS A 110 -2.54 -13.61 -28.09
C LYS A 110 -3.50 -12.84 -28.97
N THR A 111 -4.25 -13.55 -29.81
CA THR A 111 -5.28 -12.93 -30.64
C THR A 111 -6.55 -13.77 -30.63
N PHE A 112 -7.70 -13.11 -30.65
CA PHE A 112 -8.97 -13.82 -30.75
C PHE A 112 -9.74 -13.40 -32.02
N PRO A 113 -10.58 -14.31 -32.53
CA PRO A 113 -11.61 -13.99 -33.55
C PRO A 113 -12.62 -12.91 -33.07
N SER A 114 -13.37 -12.32 -34.00
CA SER A 114 -14.32 -11.24 -33.69
C SER A 114 -15.79 -11.68 -33.70
N SER A 119 -19.81 -6.62 -29.60
CA SER A 119 -20.41 -6.28 -28.31
C SER A 119 -19.39 -6.28 -27.15
N LEU A 120 -19.89 -6.24 -25.90
CA LEU A 120 -19.01 -6.32 -24.74
C LEU A 120 -18.98 -7.73 -24.16
N GLU A 121 -20.15 -8.21 -23.71
CA GLU A 121 -20.31 -9.58 -23.26
C GLU A 121 -19.64 -10.52 -24.24
N ASP A 122 -19.94 -10.29 -25.51
CA ASP A 122 -19.49 -11.16 -26.59
C ASP A 122 -18.01 -11.04 -26.88
N GLN A 123 -17.42 -9.89 -26.60
CA GLN A 123 -15.99 -9.70 -26.82
C GLN A 123 -15.20 -10.22 -25.63
N LEU A 124 -15.82 -10.13 -24.46
CA LEU A 124 -15.22 -10.57 -23.21
C LEU A 124 -15.09 -12.10 -23.16
N LYS A 125 -16.12 -12.77 -23.69
CA LYS A 125 -16.29 -14.20 -23.55
C LYS A 125 -15.02 -15.03 -23.80
N PRO A 126 -14.35 -14.85 -24.96
CA PRO A 126 -13.14 -15.66 -25.17
C PRO A 126 -11.89 -15.21 -24.41
N MET A 127 -11.79 -13.93 -24.08
CA MET A 127 -10.68 -13.48 -23.25
C MET A 127 -10.90 -14.02 -21.83
N LEU A 128 -12.16 -14.04 -21.42
CA LEU A 128 -12.47 -14.59 -20.10
C LEU A 128 -12.16 -16.10 -19.99
N GLU A 129 -12.52 -16.85 -21.03
CA GLU A 129 -12.20 -18.26 -21.10
C GLU A 129 -10.69 -18.48 -21.16
N TRP A 130 -10.02 -17.67 -21.96
CA TRP A 130 -8.57 -17.76 -22.08
C TRP A 130 -7.92 -17.53 -20.72
N ALA A 131 -8.36 -16.48 -20.03
CA ALA A 131 -7.84 -16.18 -18.70
C ALA A 131 -8.17 -17.28 -17.70
N HIS A 132 -9.45 -17.66 -17.62
CA HIS A 132 -9.84 -18.68 -16.65
C HIS A 132 -9.10 -19.99 -16.96
N GLY A 133 -8.81 -20.21 -18.24
CA GLY A 133 -8.19 -21.44 -18.68
C GLY A 133 -6.69 -21.46 -18.43
N GLY A 134 -6.14 -20.34 -17.96
CA GLY A 134 -4.73 -20.27 -17.63
C GLY A 134 -3.83 -19.59 -18.65
N PHE A 135 -4.40 -18.74 -19.51
CA PHE A 135 -3.61 -17.92 -20.43
C PHE A 135 -2.73 -18.75 -21.36
N LYS A 136 -3.37 -19.74 -21.99
CA LYS A 136 -2.68 -20.58 -22.94
C LYS A 136 -2.66 -19.91 -24.32
N PRO A 137 -1.53 -19.98 -25.03
CA PRO A 137 -0.35 -20.82 -24.71
C PRO A 137 0.81 -20.22 -23.93
N THR A 138 0.84 -18.95 -23.58
CA THR A 138 2.04 -18.43 -22.93
C THR A 138 2.10 -18.77 -21.45
N GLY A 139 0.92 -18.94 -20.85
CA GLY A 139 0.82 -19.03 -19.41
C GLY A 139 1.05 -17.64 -18.85
N ILE A 140 1.20 -17.54 -17.53
CA ILE A 140 1.30 -16.23 -16.90
C ILE A 140 2.54 -15.47 -17.33
N GLU A 141 3.53 -16.21 -17.82
CA GLU A 141 4.77 -15.65 -18.31
C GLU A 141 4.48 -14.57 -19.37
N GLY A 142 3.46 -14.79 -20.19
CA GLY A 142 3.11 -13.86 -21.24
C GLY A 142 2.44 -12.57 -20.76
N LEU A 143 2.21 -12.45 -19.46
CA LEU A 143 1.52 -11.27 -18.94
C LEU A 143 2.49 -10.23 -18.44
N LYS A 144 3.77 -10.58 -18.43
CA LYS A 144 4.81 -9.67 -17.95
C LYS A 144 4.91 -8.40 -18.81
N PRO A 145 5.43 -7.31 -18.22
CA PRO A 145 5.53 -6.05 -18.96
C PRO A 145 6.85 -5.97 -19.77
N ASN A 146 7.05 -4.88 -20.50
CA ASN A 146 8.19 -4.67 -21.42
C ASN A 146 8.00 -5.38 -22.76
N SER B 10 24.65 -6.52 9.33
CA SER B 10 23.35 -5.97 8.95
C SER B 10 23.13 -4.51 9.40
N GLU B 11 22.46 -3.75 8.53
CA GLU B 11 22.16 -2.32 8.74
C GLU B 11 21.48 -2.06 10.09
N TYR B 12 21.84 -0.94 10.72
CA TYR B 12 21.30 -0.55 12.03
C TYR B 12 21.59 -1.57 13.14
N GLN B 13 22.84 -1.99 13.27
CA GLN B 13 23.21 -2.85 14.39
C GLN B 13 24.27 -2.15 15.24
N ASP B 14 24.02 -0.88 15.54
CA ASP B 14 24.91 -0.09 16.38
C ASP B 14 24.49 -0.25 17.84
N GLY B 15 23.64 -1.23 18.10
CA GLY B 15 23.18 -1.52 19.45
C GLY B 15 22.03 -0.64 19.88
N LYS B 16 21.86 0.49 19.19
CA LYS B 16 20.79 1.44 19.51
C LYS B 16 19.38 0.87 19.32
N GLU B 17 18.41 1.76 19.40
CA GLU B 17 17.01 1.36 19.35
C GLU B 17 16.49 1.38 17.91
N PHE B 18 15.35 0.71 17.69
CA PHE B 18 14.56 0.84 16.46
C PHE B 18 15.11 0.13 15.24
N GLY B 19 14.34 -0.82 14.71
CA GLY B 19 14.74 -1.53 13.51
C GLY B 19 13.83 -1.22 12.33
N ILE B 20 14.18 -1.76 11.18
CA ILE B 20 13.39 -1.59 9.97
C ILE B 20 11.95 -2.03 10.25
N GLY B 21 10.98 -1.25 9.79
CA GLY B 21 9.59 -1.54 10.03
C GLY B 21 8.95 -0.93 11.28
N ASP B 22 9.74 -0.48 12.26
CA ASP B 22 9.15 0.07 13.48
C ASP B 22 8.41 1.37 13.22
N LEU B 23 7.28 1.53 13.90
CA LEU B 23 6.49 2.75 13.80
C LEU B 23 6.92 3.70 14.89
N VAL B 24 7.22 4.93 14.54
CA VAL B 24 7.87 5.81 15.47
C VAL B 24 7.32 7.21 15.39
N TRP B 25 7.57 8.01 16.42
CA TRP B 25 7.45 9.45 16.31
C TRP B 25 8.83 9.99 16.07
N GLY B 26 8.91 11.01 15.23
CA GLY B 26 10.18 11.56 14.89
C GLY B 26 10.11 13.06 14.94
N LYS B 27 11.17 13.65 15.46
CA LYS B 27 11.17 15.08 15.68
C LYS B 27 12.27 15.70 14.86
N ILE B 28 11.90 16.59 13.93
CA ILE B 28 12.90 17.37 13.22
C ILE B 28 12.64 18.86 13.42
N LYS B 29 13.72 19.65 13.39
CA LYS B 29 13.70 21.08 13.66
C LYS B 29 12.59 21.79 12.91
N GLY B 30 11.73 22.50 13.64
CA GLY B 30 10.65 23.27 13.06
C GLY B 30 9.37 22.48 12.83
N PHE B 31 9.27 21.32 13.45
CA PHE B 31 8.09 20.48 13.24
C PHE B 31 7.67 19.80 14.53
N SER B 32 6.37 19.51 14.65
CA SER B 32 5.89 18.72 15.77
C SER B 32 6.41 17.30 15.65
N TRP B 33 6.32 16.51 16.71
CA TRP B 33 6.47 15.08 16.54
C TRP B 33 5.59 14.58 15.40
N TRP B 34 6.18 13.77 14.51
CA TRP B 34 5.48 13.31 13.33
C TRP B 34 5.59 11.80 13.21
N PRO B 35 4.50 11.12 12.85
CA PRO B 35 4.55 9.65 12.72
C PRO B 35 5.37 9.23 11.50
N ALA B 36 6.07 8.11 11.60
CA ALA B 36 6.93 7.66 10.51
C ALA B 36 7.19 6.17 10.64
N MET B 37 7.80 5.60 9.62
CA MET B 37 8.27 4.21 9.70
C MET B 37 9.77 4.17 9.42
N VAL B 38 10.49 3.37 10.20
CA VAL B 38 11.92 3.18 9.95
C VAL B 38 12.11 2.31 8.71
N VAL B 39 12.81 2.83 7.70
CA VAL B 39 13.07 2.05 6.48
C VAL B 39 14.56 1.75 6.28
N SER B 40 14.85 0.83 5.37
CA SER B 40 16.24 0.57 4.99
C SER B 40 16.70 1.68 4.08
N TRP B 41 17.99 2.00 4.10
CA TRP B 41 18.46 3.07 3.25
C TRP B 41 18.20 2.74 1.78
N LYS B 42 18.08 1.46 1.44
CA LYS B 42 17.88 1.05 0.04
C LYS B 42 16.52 1.41 -0.54
N ALA B 43 15.57 1.72 0.33
CA ALA B 43 14.25 2.14 -0.15
C ALA B 43 14.22 3.63 -0.44
N THR B 44 15.25 4.35 0.00
CA THR B 44 15.22 5.81 -0.01
C THR B 44 15.66 6.48 -1.29
N SER B 45 16.37 5.73 -2.15
CA SER B 45 16.99 6.30 -3.35
C SER B 45 17.97 7.41 -2.93
N LYS B 46 18.64 7.22 -1.80
CA LYS B 46 19.64 8.17 -1.35
C LYS B 46 20.91 7.44 -0.93
N ARG B 47 21.39 7.70 0.27
CA ARG B 47 22.69 7.19 0.69
C ARG B 47 22.52 6.37 1.96
N GLN B 48 23.55 5.62 2.32
CA GLN B 48 23.54 4.90 3.58
C GLN B 48 23.48 5.89 4.74
N ALA B 49 22.98 5.44 5.89
CA ALA B 49 22.87 6.28 7.05
C ALA B 49 24.15 6.22 7.90
N MET B 50 24.52 7.36 8.51
CA MET B 50 25.67 7.42 9.41
C MET B 50 25.44 6.63 10.69
N SER B 51 26.51 6.40 11.46
CA SER B 51 26.43 5.65 12.72
C SER B 51 25.39 6.26 13.64
N GLY B 52 24.50 5.43 14.18
CA GLY B 52 23.46 5.89 15.08
C GLY B 52 22.32 6.67 14.44
N MET B 53 22.32 6.78 13.11
CA MET B 53 21.17 7.38 12.43
C MET B 53 20.22 6.30 11.95
N ARG B 54 19.05 6.72 11.50
CA ARG B 54 18.05 5.82 10.93
C ARG B 54 17.37 6.58 9.83
N TRP B 55 17.03 5.88 8.75
CA TRP B 55 16.17 6.49 7.75
C TRP B 55 14.73 6.28 8.20
N VAL B 56 13.92 7.32 8.11
CA VAL B 56 12.51 7.15 8.41
C VAL B 56 11.72 7.67 7.22
N GLN B 57 10.57 7.08 6.97
CA GLN B 57 9.67 7.63 5.95
C GLN B 57 8.44 8.21 6.69
N TRP B 58 8.14 9.48 6.45
CA TRP B 58 7.04 10.16 7.12
C TRP B 58 5.71 9.74 6.55
N PHE B 59 4.78 9.37 7.42
CA PHE B 59 3.42 9.13 6.96
C PHE B 59 2.80 10.43 6.46
N GLY B 60 1.89 10.33 5.49
CA GLY B 60 1.26 11.52 4.96
C GLY B 60 1.95 12.12 3.73
N ASP B 61 3.25 12.36 3.81
CA ASP B 61 3.93 12.85 2.61
C ASP B 61 4.86 11.81 1.97
N GLY B 62 5.15 10.73 2.70
CA GLY B 62 5.96 9.64 2.13
C GLY B 62 7.41 10.01 1.88
N LYS B 63 7.85 11.14 2.45
CA LYS B 63 9.21 11.65 2.27
C LYS B 63 10.17 10.99 3.24
N PHE B 64 11.46 11.07 2.93
CA PHE B 64 12.49 10.41 3.74
C PHE B 64 13.41 11.41 4.45
N SER B 65 13.82 11.05 5.67
CA SER B 65 14.75 11.87 6.46
C SER B 65 15.67 10.96 7.24
N GLU B 66 16.93 11.39 7.37
CA GLU B 66 17.88 10.69 8.23
C GLU B 66 17.80 11.31 9.63
N VAL B 67 17.42 10.50 10.62
CA VAL B 67 17.18 11.01 11.96
C VAL B 67 18.00 10.21 12.95
N SER B 68 18.49 10.87 13.99
CA SER B 68 19.24 10.18 15.04
C SER B 68 18.32 9.24 15.80
N ALA B 69 18.81 8.04 16.08
CA ALA B 69 18.05 7.05 16.84
C ALA B 69 17.69 7.51 18.25
N ASP B 70 18.16 8.70 18.63
CA ASP B 70 17.87 9.28 19.92
C ASP B 70 16.86 10.43 19.84
N LYS B 71 16.49 10.85 18.62
CA LYS B 71 15.39 11.80 18.42
C LYS B 71 14.14 11.04 17.95
N LEU B 72 13.99 9.82 18.46
CA LEU B 72 12.92 8.90 18.06
C LEU B 72 12.29 8.20 19.26
N VAL B 73 10.95 8.17 19.29
CA VAL B 73 10.23 7.39 20.28
C VAL B 73 9.27 6.42 19.59
N ALA B 74 8.97 5.29 20.22
CA ALA B 74 8.06 4.33 19.60
C ALA B 74 6.68 4.95 19.46
N LEU B 75 5.94 4.54 18.44
CA LEU B 75 4.62 5.14 18.20
C LEU B 75 3.70 4.80 19.37
N GLY B 76 3.97 3.67 20.02
CA GLY B 76 3.20 3.24 21.18
C GLY B 76 3.03 4.28 22.28
N LEU B 77 4.00 5.18 22.43
CA LEU B 77 3.84 6.30 23.36
C LEU B 77 2.97 7.35 22.69
N PHE B 78 1.70 7.01 22.45
CA PHE B 78 0.87 7.81 21.56
C PHE B 78 0.46 9.18 22.11
N SER B 79 -0.22 9.20 23.26
CA SER B 79 -0.79 10.44 23.81
C SER B 79 0.26 11.44 24.27
N GLN B 80 1.40 10.92 24.71
CA GLN B 80 2.52 11.77 25.11
C GLN B 80 3.07 12.58 23.94
N HIS B 81 2.98 12.06 22.72
CA HIS B 81 3.57 12.79 21.60
C HIS B 81 2.58 13.32 20.58
N PHE B 82 1.37 12.77 20.59
CA PHE B 82 0.33 13.28 19.71
C PHE B 82 0.13 14.76 20.06
N ASN B 83 -0.09 15.59 19.06
CA ASN B 83 -0.18 17.02 19.32
C ASN B 83 -1.50 17.60 18.82
N LEU B 84 -2.46 17.72 19.74
CA LEU B 84 -3.81 18.17 19.41
C LEU B 84 -3.89 19.53 18.72
N ALA B 85 -3.08 20.48 19.17
CA ALA B 85 -3.06 21.77 18.50
C ALA B 85 -2.63 21.64 17.05
N THR B 86 -1.59 20.86 16.79
CA THR B 86 -1.13 20.68 15.41
C THR B 86 -2.22 19.97 14.60
N PHE B 87 -2.85 18.97 15.20
CA PHE B 87 -3.90 18.19 14.54
C PHE B 87 -5.05 19.08 14.06
N ASN B 88 -5.63 19.88 14.95
CA ASN B 88 -6.73 20.76 14.59
C ASN B 88 -6.31 21.79 13.54
N LYS B 89 -5.03 22.17 13.59
CA LYS B 89 -4.49 23.28 12.76
C LYS B 89 -4.13 22.91 11.31
N LEU B 90 -3.59 21.71 11.08
CA LEU B 90 -3.04 21.34 9.77
C LEU B 90 -3.65 20.07 9.22
N VAL B 91 -4.25 20.14 8.05
CA VAL B 91 -4.81 18.93 7.44
C VAL B 91 -3.71 17.88 7.15
N SER B 92 -2.49 18.34 6.89
CA SER B 92 -1.36 17.44 6.61
C SER B 92 -1.11 16.49 7.79
N TYR B 93 -1.15 17.04 8.99
CA TYR B 93 -0.96 16.24 10.19
C TYR B 93 -2.09 15.22 10.34
N ARG B 94 -3.32 15.62 9.99
CA ARG B 94 -4.47 14.72 10.13
C ARG B 94 -4.34 13.55 9.17
N LYS B 95 -3.97 13.86 7.93
CA LYS B 95 -3.70 12.81 6.94
C LYS B 95 -2.57 11.89 7.41
N ALA B 96 -1.48 12.48 7.87
CA ALA B 96 -0.36 11.71 8.42
C ALA B 96 -0.84 10.76 9.53
N MET B 97 -1.70 11.27 10.40
CA MET B 97 -2.28 10.49 11.47
C MET B 97 -3.08 9.31 10.95
N TYR B 98 -3.94 9.58 9.97
CA TYR B 98 -4.77 8.53 9.39
C TYR B 98 -3.92 7.38 8.85
N HIS B 99 -2.92 7.73 8.05
CA HIS B 99 -2.11 6.70 7.41
C HIS B 99 -1.30 5.91 8.42
N ALA B 100 -0.72 6.60 9.42
CA ALA B 100 0.02 5.91 10.48
C ALA B 100 -0.88 4.95 11.27
N LEU B 101 -2.08 5.39 11.62
CA LEU B 101 -2.95 4.52 12.42
C LEU B 101 -3.49 3.35 11.60
N GLU B 102 -3.74 3.63 10.32
CA GLU B 102 -4.14 2.61 9.37
C GLU B 102 -3.11 1.47 9.32
N LYS B 103 -1.83 1.83 9.24
CA LYS B 103 -0.75 0.84 9.25
C LYS B 103 -0.71 0.12 10.60
N ALA B 104 -0.90 0.89 11.68
CA ALA B 104 -0.97 0.33 13.02
C ALA B 104 -2.14 -0.65 13.11
N ARG B 105 -3.32 -0.18 12.68
CA ARG B 105 -4.53 -1.01 12.70
C ARG B 105 -4.31 -2.36 12.03
N VAL B 106 -3.74 -2.35 10.84
CA VAL B 106 -3.53 -3.57 10.08
C VAL B 106 -2.58 -4.53 10.77
N ARG B 107 -1.47 -4.00 11.28
CA ARG B 107 -0.51 -4.84 11.97
C ARG B 107 -1.12 -5.51 13.18
N ALA B 108 -1.98 -4.76 13.89
CA ALA B 108 -2.63 -5.24 15.10
C ALA B 108 -3.73 -6.27 14.83
N GLY B 109 -4.31 -6.23 13.63
CA GLY B 109 -5.49 -7.03 13.33
C GLY B 109 -6.75 -6.37 13.87
N LYS B 110 -6.64 -5.09 14.23
CA LYS B 110 -7.78 -4.33 14.68
C LYS B 110 -8.73 -4.03 13.51
N THR B 111 -10.02 -3.87 13.80
CA THR B 111 -11.02 -3.52 12.78
C THR B 111 -11.95 -2.39 13.25
N PHE B 112 -12.30 -1.49 12.34
CA PHE B 112 -13.22 -0.40 12.64
C PHE B 112 -14.40 -0.37 11.67
N PRO B 113 -15.63 -0.38 12.21
CA PRO B 113 -16.85 -0.21 11.42
C PRO B 113 -16.86 1.13 10.68
N SER B 114 -17.17 1.14 9.38
CA SER B 114 -17.14 2.37 8.58
C SER B 114 -18.54 2.85 8.16
N SER B 119 -15.69 9.59 5.13
CA SER B 119 -15.08 10.84 5.59
C SER B 119 -13.70 10.66 6.27
N LEU B 120 -12.97 11.76 6.47
CA LEU B 120 -11.63 11.68 7.09
C LEU B 120 -11.70 11.68 8.62
N GLU B 121 -11.93 12.88 9.18
CA GLU B 121 -12.11 13.05 10.62
C GLU B 121 -13.01 11.96 11.17
N ASP B 122 -14.05 11.64 10.41
CA ASP B 122 -15.01 10.63 10.81
C ASP B 122 -14.38 9.24 10.84
N GLN B 123 -13.52 8.95 9.87
CA GLN B 123 -12.87 7.64 9.85
C GLN B 123 -11.80 7.62 10.93
N LEU B 124 -11.32 8.81 11.27
CA LEU B 124 -10.17 8.99 12.14
C LEU B 124 -10.52 8.83 13.61
N LYS B 125 -11.70 9.32 13.98
CA LYS B 125 -12.13 9.36 15.38
C LYS B 125 -12.04 8.03 16.18
N PRO B 126 -12.48 6.89 15.61
CA PRO B 126 -12.34 5.64 16.35
C PRO B 126 -10.94 5.05 16.37
N MET B 127 -10.15 5.29 15.33
CA MET B 127 -8.78 4.78 15.30
C MET B 127 -7.98 5.51 16.38
N LEU B 128 -8.24 6.80 16.46
CA LEU B 128 -7.55 7.74 17.30
C LEU B 128 -7.93 7.54 18.77
N GLU B 129 -9.17 7.12 19.02
CA GLU B 129 -9.56 6.75 20.38
C GLU B 129 -8.92 5.44 20.76
N TRP B 130 -8.67 4.59 19.78
CA TRP B 130 -8.03 3.30 20.02
C TRP B 130 -6.59 3.49 20.46
N ALA B 131 -5.94 4.53 19.93
CA ALA B 131 -4.52 4.73 20.15
C ALA B 131 -4.28 5.46 21.47
N HIS B 132 -5.07 6.50 21.70
CA HIS B 132 -5.02 7.24 22.97
C HIS B 132 -5.28 6.34 24.17
N GLY B 133 -5.89 5.19 23.92
CA GLY B 133 -6.23 4.27 24.99
C GLY B 133 -5.41 3.02 24.96
N GLY B 134 -4.24 3.08 24.31
CA GLY B 134 -3.26 2.00 24.42
C GLY B 134 -3.47 0.78 23.54
N PHE B 135 -4.15 0.96 22.41
CA PHE B 135 -4.22 -0.06 21.37
C PHE B 135 -4.73 -1.42 21.86
N LYS B 136 -5.84 -1.43 22.59
CA LYS B 136 -6.47 -2.68 23.05
C LYS B 136 -7.26 -3.32 21.91
N PRO B 137 -7.41 -4.65 21.90
CA PRO B 137 -7.07 -5.61 22.94
C PRO B 137 -5.68 -6.15 22.76
N THR B 138 -4.83 -5.42 22.05
CA THR B 138 -3.54 -5.97 21.68
C THR B 138 -2.34 -5.33 22.38
N GLY B 139 -2.52 -4.09 22.86
CA GLY B 139 -1.42 -3.34 23.44
C GLY B 139 -0.48 -2.87 22.34
N ILE B 140 0.67 -2.36 22.73
CA ILE B 140 1.63 -1.88 21.74
C ILE B 140 2.38 -3.04 21.11
N GLU B 141 2.14 -4.25 21.62
CA GLU B 141 2.74 -5.45 21.05
C GLU B 141 2.25 -5.66 19.62
N GLY B 142 1.12 -5.05 19.28
CA GLY B 142 0.50 -5.26 17.98
C GLY B 142 0.96 -4.33 16.88
N LEU B 143 1.81 -3.35 17.21
CA LEU B 143 2.30 -2.41 16.20
C LEU B 143 3.61 -2.88 15.59
N LYS B 144 4.19 -3.92 16.15
CA LYS B 144 5.47 -4.45 15.67
C LYS B 144 5.35 -4.98 14.23
N PRO B 145 6.46 -4.97 13.48
CA PRO B 145 6.46 -5.51 12.11
C PRO B 145 6.46 -7.04 12.10
N ASN B 146 5.83 -7.63 11.07
CA ASN B 146 5.68 -9.09 10.92
C ASN B 146 4.67 -9.71 11.87
#